data_2OI0
#
_entry.id   2OI0
#
_cell.length_a   56.550
_cell.length_b   50.060
_cell.length_c   42.980
_cell.angle_alpha   90.000
_cell.angle_beta   92.580
_cell.angle_gamma   90.000
#
_symmetry.space_group_name_H-M   'P 1 21 1'
#
loop_
_entity.id
_entity.type
_entity.pdbx_description
1 polymer 'TNF- a Converting Enzyme (TACE)'
2 non-polymer 'ZINC ION'
3 non-polymer (3S)-1-{[4-(BUT-2-YN-1-YLOXY)PHENYL]SULFONYL}PYRROLIDINE-3-THIOL
4 water water
#
_entity_poly.entity_id   1
_entity_poly.type   'polypeptide(L)'
_entity_poly.pdbx_seq_one_letter_code
;ADPDPMKNTCKLLVVADHRFYRYMGRGEESTTTNYLIELIDRVDDIYRNTAWDNAGFKGYGIQIEQIRILKSPQEVKPGE
KHYNMAKSYPNEEKDAWDVKMLLEQFSFDIAEEASKVCLAHLFTYQDFDMGTLGLAYVGSPRANSHGGVCPKAYYSPVGK
KNIYLNSGLTSTKNYGKTILTKEADLVTTHELGHNFGAEHDPDGLAECAPNEDQGGKYVMYPIAVSGDHENNKMFSQCSK
QSIYKTIESKAQECFQERSNKVIEGR
;
_entity_poly.pdbx_strand_id   A
#
# COMPACT_ATOMS: atom_id res chain seq x y z
N ALA A 1 3.02 17.22 21.26
CA ALA A 1 2.13 16.56 20.26
C ALA A 1 2.01 15.07 20.57
N ASP A 2 0.88 14.69 21.15
CA ASP A 2 0.60 13.29 21.47
C ASP A 2 -0.68 12.80 20.80
N PRO A 3 -0.78 11.47 20.59
CA PRO A 3 -1.83 10.89 19.74
C PRO A 3 -3.25 11.27 20.12
N ASP A 4 -4.03 11.66 19.11
CA ASP A 4 -5.45 11.90 19.29
C ASP A 4 -6.21 10.62 18.95
N PRO A 5 -6.94 10.07 19.92
CA PRO A 5 -7.68 8.81 19.75
C PRO A 5 -8.67 8.91 18.61
N MET A 6 -9.12 10.13 18.35
CA MET A 6 -10.14 10.36 17.35
C MET A 6 -9.50 10.56 15.98
N LYS A 7 -8.17 10.55 15.95
CA LYS A 7 -7.45 10.70 14.70
C LYS A 7 -6.16 9.89 14.66
N ASN A 8 -6.28 8.58 14.88
CA ASN A 8 -5.12 7.70 14.89
C ASN A 8 -5.17 6.62 13.81
N THR A 9 -6.17 6.67 12.94
CA THR A 9 -6.36 5.59 11.96
C THR A 9 -6.44 6.09 10.51
N CYS A 10 -5.68 5.46 9.62
CA CYS A 10 -5.75 5.75 8.20
C CYS A 10 -6.68 4.75 7.54
N LYS A 11 -7.84 5.23 7.11
CA LYS A 11 -8.86 4.38 6.53
C LYS A 11 -8.45 4.01 5.11
N LEU A 12 -8.67 2.76 4.74
CA LEU A 12 -8.07 2.22 3.53
C LEU A 12 -9.11 1.68 2.53
N LEU A 13 -8.96 2.12 1.29
CA LEU A 13 -9.63 1.47 0.18
C LEU A 13 -8.80 0.30 -0.30
N VAL A 14 -9.37 -0.90 -0.23
CA VAL A 14 -8.71 -2.09 -0.75
C VAL A 14 -9.36 -2.53 -2.05
N VAL A 15 -8.56 -2.69 -3.11
CA VAL A 15 -9.07 -3.13 -4.42
C VAL A 15 -8.40 -4.41 -4.89
N ALA A 16 -9.20 -5.40 -5.27
CA ALA A 16 -8.64 -6.61 -5.88
C ALA A 16 -9.10 -6.70 -7.33
N ASP A 17 -8.16 -6.74 -8.26
CA ASP A 17 -8.51 -6.83 -9.67
C ASP A 17 -8.85 -8.27 -10.08
N HIS A 18 -9.29 -8.48 -11.31
CA HIS A 18 -9.78 -9.81 -11.68
C HIS A 18 -8.70 -10.87 -11.54
N ARG A 19 -7.44 -10.49 -11.78
CA ARG A 19 -6.31 -11.40 -11.66
C ARG A 19 -6.12 -11.93 -10.23
N PHE A 20 -6.21 -11.03 -9.26
CA PHE A 20 -6.12 -11.41 -7.85
C PHE A 20 -7.30 -12.30 -7.48
N TYR A 21 -8.49 -11.91 -7.91
CA TYR A 21 -9.72 -12.63 -7.61
C TYR A 21 -9.62 -14.07 -8.14
N ARG A 22 -9.24 -14.23 -9.41
CA ARG A 22 -9.10 -15.54 -10.04
C ARG A 22 -8.05 -16.43 -9.41
N TYR A 23 -6.86 -15.89 -9.16
CA TYR A 23 -5.71 -16.69 -8.75
C TYR A 23 -5.54 -16.82 -7.23
N MET A 24 -5.78 -15.73 -6.50
CA MET A 24 -5.59 -15.77 -5.04
C MET A 24 -6.90 -16.12 -4.32
N GLY A 25 -8.00 -15.55 -4.79
CA GLY A 25 -9.30 -15.85 -4.20
C GLY A 25 -9.95 -17.05 -4.85
N ARG A 26 -9.26 -17.63 -5.83
CA ARG A 26 -9.73 -18.83 -6.51
C ARG A 26 -11.11 -18.57 -7.10
N GLY A 27 -11.39 -17.31 -7.42
CA GLY A 27 -12.67 -16.97 -8.01
C GLY A 27 -13.82 -16.98 -7.01
N GLU A 28 -13.49 -16.91 -5.72
CA GLU A 28 -14.50 -16.80 -4.67
C GLU A 28 -14.41 -15.45 -3.95
N GLU A 29 -15.55 -14.78 -3.79
CA GLU A 29 -15.61 -13.55 -3.01
C GLU A 29 -15.13 -13.79 -1.57
N SER A 30 -15.64 -14.86 -0.98
CA SER A 30 -15.34 -15.21 0.40
C SER A 30 -13.84 -15.39 0.63
N THR A 31 -13.20 -16.13 -0.27
CA THR A 31 -11.79 -16.43 -0.15
C THR A 31 -10.96 -15.19 -0.38
N THR A 32 -11.38 -14.36 -1.34
CA THR A 32 -10.68 -13.12 -1.63
C THR A 32 -10.71 -12.17 -0.43
N THR A 33 -11.88 -11.93 0.14
CA THR A 33 -11.97 -10.97 1.24
C THR A 33 -11.28 -11.49 2.48
N ASN A 34 -11.40 -12.79 2.77
CA ASN A 34 -10.68 -13.40 3.88
C ASN A 34 -9.16 -13.14 3.79
N TYR A 35 -8.61 -13.25 2.60
CA TYR A 35 -7.16 -13.15 2.44
C TYR A 35 -6.73 -11.72 2.70
N LEU A 36 -7.51 -10.76 2.19
CA LEU A 36 -7.17 -9.35 2.33
C LEU A 36 -7.44 -8.84 3.75
N ILE A 37 -8.57 -9.23 4.33
CA ILE A 37 -8.87 -8.84 5.71
C ILE A 37 -7.74 -9.25 6.64
N GLU A 38 -7.22 -10.46 6.46
CA GLU A 38 -6.21 -10.99 7.37
C GLU A 38 -4.84 -10.36 7.15
N LEU A 39 -4.55 -10.02 5.90
CA LEU A 39 -3.29 -9.36 5.57
C LEU A 39 -3.27 -7.95 6.14
N ILE A 40 -4.36 -7.21 6.00
CA ILE A 40 -4.41 -5.86 6.55
C ILE A 40 -4.35 -5.86 8.08
N ASP A 41 -4.94 -6.89 8.70
CA ASP A 41 -4.85 -7.03 10.15
C ASP A 41 -3.39 -7.18 10.55
N ARG A 42 -2.67 -8.06 9.86
CA ARG A 42 -1.28 -8.31 10.19
C ARG A 42 -0.41 -7.09 9.92
N VAL A 43 -0.70 -6.37 8.84
CA VAL A 43 0.00 -5.12 8.59
C VAL A 43 -0.32 -4.10 9.67
N ASP A 44 -1.59 -3.97 10.03
CA ASP A 44 -2.00 -3.01 11.04
C ASP A 44 -1.30 -3.32 12.37
N ASP A 45 -1.10 -4.59 12.65
CA ASP A 45 -0.42 -5.01 13.87
C ASP A 45 0.99 -4.44 13.95
N ILE A 46 1.72 -4.51 12.85
CA ILE A 46 3.03 -3.91 12.77
C ILE A 46 2.99 -2.40 13.04
N TYR A 47 2.02 -1.72 12.43
CA TYR A 47 1.93 -0.28 12.55
C TYR A 47 1.52 0.20 13.94
N ARG A 48 0.43 -0.33 14.47
CA ARG A 48 -0.08 0.14 15.76
C ARG A 48 0.97 0.04 16.86
N ASN A 49 1.75 -1.03 16.84
CA ASN A 49 2.69 -1.31 17.91
C ASN A 49 4.05 -0.67 17.67
N THR A 50 4.17 0.08 16.58
CA THR A 50 5.38 0.85 16.32
C THR A 50 5.32 2.18 17.09
N ALA A 51 6.36 2.45 17.87
CA ALA A 51 6.47 3.71 18.59
C ALA A 51 7.38 4.63 17.80
N TRP A 52 6.78 5.54 17.05
CA TRP A 52 7.51 6.30 16.05
C TRP A 52 8.53 7.23 16.68
N ASP A 53 8.29 7.60 17.94
CA ASP A 53 9.26 8.40 18.68
C ASP A 53 10.08 7.52 19.62
N ASN A 54 9.88 6.22 19.51
CA ASN A 54 10.56 5.25 20.37
C ASN A 54 10.09 5.39 21.81
N ALA A 55 9.17 6.32 22.02
CA ALA A 55 8.56 6.52 23.33
C ALA A 55 7.16 5.94 23.36
N GLY A 56 6.16 6.82 23.33
CA GLY A 56 4.79 6.36 23.45
C GLY A 56 3.88 6.89 22.35
N PHE A 57 4.47 7.52 21.34
CA PHE A 57 3.73 8.00 20.19
C PHE A 57 3.42 6.82 19.26
N LYS A 58 2.43 6.03 19.67
CA LYS A 58 2.11 4.78 18.99
C LYS A 58 0.61 4.58 18.93
N GLY A 59 0.19 3.45 18.40
CA GLY A 59 -1.24 3.17 18.27
C GLY A 59 -1.83 3.70 16.97
N TYR A 60 -0.98 4.19 16.08
CA TYR A 60 -1.44 4.58 14.74
C TYR A 60 -1.51 3.35 13.85
N GLY A 61 -2.63 3.19 13.15
CA GLY A 61 -2.82 1.99 12.34
C GLY A 61 -3.58 2.24 11.06
N ILE A 62 -3.99 1.16 10.42
CA ILE A 62 -4.82 1.25 9.22
C ILE A 62 -6.03 0.34 9.40
N GLN A 63 -7.15 0.72 8.80
CA GLN A 63 -8.38 -0.03 8.89
C GLN A 63 -9.08 0.00 7.54
N ILE A 64 -9.58 -1.14 7.11
CA ILE A 64 -10.27 -1.23 5.84
C ILE A 64 -11.61 -0.50 5.88
N GLU A 65 -11.81 0.42 4.95
CA GLU A 65 -13.08 1.09 4.80
C GLU A 65 -13.93 0.44 3.71
N GLN A 66 -13.28 -0.06 2.67
CA GLN A 66 -13.97 -0.71 1.56
C GLN A 66 -13.09 -1.79 0.93
N ILE A 67 -13.70 -2.89 0.53
CA ILE A 67 -13.01 -3.90 -0.27
C ILE A 67 -13.73 -4.07 -1.60
N ARG A 68 -13.15 -3.50 -2.65
CA ARG A 68 -13.75 -3.48 -3.97
C ARG A 68 -13.16 -4.64 -4.77
N ILE A 69 -13.98 -5.67 -5.04
CA ILE A 69 -13.50 -6.83 -5.78
C ILE A 69 -14.01 -6.84 -7.22
N LEU A 70 -13.08 -6.73 -8.18
CA LEU A 70 -13.45 -6.72 -9.59
C LEU A 70 -13.39 -8.16 -10.15
N LYS A 71 -14.55 -8.72 -10.49
CA LYS A 71 -14.68 -10.15 -10.73
C LYS A 71 -14.42 -10.59 -12.17
N SER A 72 -14.25 -9.64 -13.07
CA SER A 72 -13.89 -9.95 -14.45
C SER A 72 -13.12 -8.79 -15.05
N PRO A 73 -12.49 -9.00 -16.21
CA PRO A 73 -11.73 -7.90 -16.82
C PRO A 73 -12.64 -6.76 -17.29
N GLN A 74 -12.11 -5.54 -17.22
CA GLN A 74 -12.83 -4.37 -17.71
C GLN A 74 -12.89 -4.35 -19.24
N GLU A 75 -14.09 -4.20 -19.79
CA GLU A 75 -14.25 -4.07 -21.23
C GLU A 75 -13.69 -2.73 -21.71
N VAL A 76 -12.91 -2.78 -22.77
CA VAL A 76 -12.23 -1.59 -23.27
C VAL A 76 -12.36 -1.44 -24.78
N LYS A 77 -12.45 -0.20 -25.24
CA LYS A 77 -12.44 0.10 -26.66
C LYS A 77 -11.00 0.28 -27.13
N PRO A 78 -10.76 0.09 -28.44
CA PRO A 78 -9.40 0.22 -28.98
C PRO A 78 -8.78 1.58 -28.64
N GLY A 79 -7.54 1.54 -28.16
CA GLY A 79 -6.90 2.75 -27.68
C GLY A 79 -7.01 2.91 -26.17
N GLU A 80 -8.20 2.65 -25.61
CA GLU A 80 -8.45 2.81 -24.19
C GLU A 80 -7.62 1.85 -23.33
N LYS A 81 -7.28 2.28 -22.13
CA LYS A 81 -6.72 1.38 -21.13
C LYS A 81 -7.38 1.55 -19.76
N HIS A 82 -7.30 0.51 -18.95
CA HIS A 82 -7.88 0.51 -17.61
C HIS A 82 -7.12 -0.52 -16.79
N TYR A 83 -6.82 -0.18 -15.54
CA TYR A 83 -5.94 -1.01 -14.74
C TYR A 83 -6.47 -2.43 -14.58
N ASN A 84 -7.77 -2.60 -14.80
CA ASN A 84 -8.39 -3.91 -14.68
C ASN A 84 -8.75 -4.56 -16.02
N MET A 85 -8.16 -4.08 -17.11
CA MET A 85 -8.47 -4.69 -18.41
C MET A 85 -7.77 -6.05 -18.56
N ALA A 86 -8.19 -6.81 -19.57
CA ALA A 86 -7.65 -8.16 -19.75
C ALA A 86 -6.15 -8.16 -20.07
N LYS A 87 -5.71 -7.27 -20.96
CA LYS A 87 -4.32 -7.28 -21.41
C LYS A 87 -3.41 -6.43 -20.52
N SER A 88 -2.14 -6.82 -20.44
CA SER A 88 -1.15 -5.99 -19.76
C SER A 88 -0.70 -4.88 -20.70
N TYR A 89 -0.24 -3.77 -20.11
CA TYR A 89 0.13 -2.57 -20.86
C TYR A 89 1.49 -2.10 -20.35
N PRO A 90 2.34 -1.57 -21.25
CA PRO A 90 2.09 -1.30 -22.67
C PRO A 90 2.42 -2.45 -23.63
N ASN A 91 2.94 -3.54 -23.10
CA ASN A 91 3.27 -4.71 -23.93
C ASN A 91 2.39 -5.91 -23.55
N GLU A 92 1.47 -6.29 -24.43
CA GLU A 92 0.49 -7.33 -24.13
C GLU A 92 1.02 -8.76 -24.28
N GLU A 93 2.29 -8.90 -24.66
CA GLU A 93 2.92 -10.21 -24.71
C GLU A 93 3.56 -10.53 -23.35
N LYS A 94 3.71 -9.49 -22.54
CA LYS A 94 4.25 -9.67 -21.19
C LYS A 94 3.14 -10.10 -20.24
N ASP A 95 3.49 -10.78 -19.16
CA ASP A 95 2.50 -11.17 -18.17
C ASP A 95 1.93 -9.92 -17.49
N ALA A 96 2.82 -8.97 -17.21
CA ALA A 96 2.47 -7.84 -16.35
C ALA A 96 2.51 -6.50 -17.08
N TRP A 97 1.83 -5.52 -16.49
CA TRP A 97 2.00 -4.12 -16.85
C TRP A 97 3.43 -3.67 -16.56
N ASP A 98 3.83 -2.59 -17.20
CA ASP A 98 4.88 -1.75 -16.65
C ASP A 98 4.34 -1.26 -15.31
N VAL A 99 5.07 -1.49 -14.23
CA VAL A 99 4.49 -1.32 -12.90
C VAL A 99 4.28 0.15 -12.55
N LYS A 100 5.13 1.04 -13.05
CA LYS A 100 4.90 2.48 -12.87
C LYS A 100 3.65 2.95 -13.60
N MET A 101 3.46 2.46 -14.81
CA MET A 101 2.29 2.83 -15.60
C MET A 101 1.03 2.29 -14.94
N LEU A 102 1.16 1.14 -14.29
CA LEU A 102 0.03 0.52 -13.61
C LEU A 102 -0.44 1.37 -12.42
N LEU A 103 0.50 1.79 -11.57
CA LEU A 103 0.14 2.63 -10.43
C LEU A 103 -0.49 3.93 -10.91
N GLU A 104 0.05 4.51 -11.98
CA GLU A 104 -0.47 5.77 -12.52
C GLU A 104 -1.91 5.59 -12.99
N GLN A 105 -2.15 4.50 -13.70
CA GLN A 105 -3.46 4.22 -14.27
C GLN A 105 -4.47 3.84 -13.19
N PHE A 106 -4.05 3.02 -12.22
CA PHE A 106 -4.91 2.68 -11.10
C PHE A 106 -5.33 4.00 -10.43
N SER A 107 -4.36 4.86 -10.18
CA SER A 107 -4.63 6.14 -9.54
C SER A 107 -5.69 6.95 -10.31
N PHE A 108 -5.54 7.03 -11.63
CA PHE A 108 -6.50 7.74 -12.47
C PHE A 108 -7.89 7.12 -12.39
N ASP A 109 -7.95 5.81 -12.57
CA ASP A 109 -9.22 5.11 -12.68
C ASP A 109 -9.98 5.07 -11.36
N ILE A 110 -9.27 4.97 -10.25
CA ILE A 110 -9.92 4.78 -8.95
C ILE A 110 -10.17 6.11 -8.22
N ALA A 111 -9.98 7.22 -8.93
CA ALA A 111 -9.95 8.55 -8.33
C ALA A 111 -11.21 8.92 -7.53
N GLU A 112 -12.39 8.64 -8.08
CA GLU A 112 -13.63 8.91 -7.36
C GLU A 112 -13.65 8.27 -5.96
N GLU A 113 -13.21 7.01 -5.86
CA GLU A 113 -13.20 6.34 -4.57
C GLU A 113 -12.02 6.73 -3.68
N ALA A 114 -10.87 6.99 -4.29
CA ALA A 114 -9.68 7.40 -3.55
C ALA A 114 -9.87 8.74 -2.84
N SER A 115 -10.72 9.59 -3.40
CA SER A 115 -10.97 10.90 -2.80
C SER A 115 -11.62 10.77 -1.43
N LYS A 116 -12.14 9.58 -1.11
CA LYS A 116 -12.93 9.38 0.11
C LYS A 116 -12.15 8.72 1.24
N VAL A 117 -10.89 8.36 0.99
CA VAL A 117 -10.11 7.60 1.97
C VAL A 117 -8.71 8.18 2.14
N CYS A 118 -8.05 7.79 3.22
CA CYS A 118 -6.67 8.18 3.48
C CYS A 118 -5.72 7.51 2.48
N LEU A 119 -5.91 6.20 2.25
CA LEU A 119 -5.13 5.49 1.24
C LEU A 119 -5.96 4.51 0.41
N ALA A 120 -5.54 4.32 -0.84
CA ALA A 120 -6.12 3.30 -1.71
C ALA A 120 -5.00 2.34 -2.14
N HIS A 121 -5.28 1.05 -2.08
CA HIS A 121 -4.28 0.06 -2.43
C HIS A 121 -4.82 -1.05 -3.34
N LEU A 122 -4.14 -1.27 -4.46
CA LEU A 122 -4.53 -2.29 -5.44
C LEU A 122 -3.80 -3.59 -5.14
N PHE A 123 -4.55 -4.68 -5.09
CA PHE A 123 -3.93 -6.01 -4.96
C PHE A 123 -4.09 -6.76 -6.26
N THR A 124 -2.97 -7.19 -6.84
CA THR A 124 -2.99 -7.80 -8.15
C THR A 124 -2.10 -9.04 -8.18
N TYR A 125 -2.10 -9.74 -9.31
CA TYR A 125 -1.35 -10.98 -9.42
C TYR A 125 -0.69 -11.04 -10.80
N GLN A 126 0.45 -10.38 -10.91
CA GLN A 126 1.23 -10.42 -12.14
C GLN A 126 2.72 -10.31 -11.84
N ASP A 127 3.53 -10.82 -12.75
CA ASP A 127 4.97 -10.83 -12.57
C ASP A 127 5.63 -9.62 -13.19
N PHE A 128 5.92 -8.61 -12.38
CA PHE A 128 6.56 -7.40 -12.88
C PHE A 128 8.04 -7.68 -13.20
N ASP A 129 8.57 -6.95 -14.16
CA ASP A 129 9.98 -7.10 -14.53
C ASP A 129 10.90 -6.85 -13.36
N MET A 130 12.07 -7.47 -13.39
CA MET A 130 13.09 -7.27 -12.36
C MET A 130 12.63 -7.75 -10.98
N GLY A 131 11.56 -8.53 -10.96
CA GLY A 131 11.09 -9.12 -9.73
C GLY A 131 10.43 -8.16 -8.76
N THR A 132 9.88 -7.06 -9.29
CA THR A 132 9.17 -6.07 -8.47
C THR A 132 7.92 -6.65 -7.85
N LEU A 133 7.69 -6.37 -6.57
CA LEU A 133 6.51 -6.86 -5.85
C LEU A 133 5.50 -5.74 -5.57
N GLY A 134 5.99 -4.53 -5.36
CA GLY A 134 5.09 -3.43 -5.04
C GLY A 134 5.60 -2.08 -5.49
N LEU A 135 4.72 -1.09 -5.42
CA LEU A 135 5.10 0.30 -5.69
C LEU A 135 4.06 1.22 -5.03
N ALA A 136 4.52 2.37 -4.53
CA ALA A 136 3.63 3.31 -3.85
C ALA A 136 4.20 4.73 -3.95
N TYR A 137 3.34 5.73 -3.78
CA TYR A 137 3.80 7.11 -3.77
C TYR A 137 4.24 7.49 -2.36
N VAL A 138 5.33 8.24 -2.26
CA VAL A 138 5.91 8.56 -0.95
C VAL A 138 5.24 9.78 -0.31
N GLY A 139 4.77 9.62 0.91
CA GLY A 139 4.13 10.72 1.62
C GLY A 139 5.14 11.75 2.08
N SER A 140 4.65 12.76 2.81
CA SER A 140 5.49 13.86 3.24
C SER A 140 4.76 14.75 4.23
N PRO A 141 5.50 15.39 5.15
CA PRO A 141 4.95 16.35 6.10
C PRO A 141 4.58 17.68 5.43
N ARG A 142 5.09 17.89 4.22
CA ARG A 142 4.83 19.14 3.51
C ARG A 142 3.35 19.40 3.37
N ALA A 143 2.94 20.62 3.67
CA ALA A 143 1.55 21.04 3.56
C ALA A 143 1.03 20.78 2.16
N ASN A 144 1.90 20.91 1.16
CA ASN A 144 1.48 20.76 -0.22
C ASN A 144 1.86 19.40 -0.80
N SER A 145 2.01 18.41 0.08
CA SER A 145 2.40 17.06 -0.35
C SER A 145 1.40 16.48 -1.35
N HIS A 146 1.92 15.99 -2.47
CA HIS A 146 1.08 15.45 -3.53
C HIS A 146 1.15 13.91 -3.65
N GLY A 147 1.63 13.26 -2.58
CA GLY A 147 1.67 11.80 -2.56
C GLY A 147 1.50 11.18 -1.19
N GLY A 148 1.16 9.90 -1.15
CA GLY A 148 0.98 9.23 0.12
C GLY A 148 -0.26 9.66 0.88
N VAL A 149 -0.20 9.58 2.21
CA VAL A 149 -1.36 9.87 3.04
C VAL A 149 -1.79 11.32 2.90
N CYS A 150 -3.10 11.55 2.84
CA CYS A 150 -3.68 12.90 2.83
C CYS A 150 -2.98 13.86 1.88
N PRO A 151 -2.89 13.50 0.59
CA PRO A 151 -2.23 14.36 -0.40
C PRO A 151 -3.17 15.42 -0.94
N LYS A 152 -2.60 16.49 -1.51
CA LYS A 152 -3.36 17.40 -2.35
C LYS A 152 -3.58 16.77 -3.72
N ALA A 153 -4.72 17.08 -4.34
CA ALA A 153 -5.07 16.51 -5.64
C ALA A 153 -4.34 17.19 -6.80
N TYR A 154 -4.19 16.46 -7.89
CA TYR A 154 -3.97 17.07 -9.20
C TYR A 154 -5.28 17.01 -9.96
N TYR A 155 -5.67 18.12 -10.55
CA TYR A 155 -6.89 18.15 -11.33
C TYR A 155 -6.64 17.57 -12.72
N SER A 156 -7.57 16.76 -13.19
CA SER A 156 -7.53 16.26 -14.56
C SER A 156 -8.59 16.90 -15.43
N PRO A 157 -8.20 17.83 -16.30
CA PRO A 157 -9.19 18.42 -17.21
C PRO A 157 -9.87 17.37 -18.08
N VAL A 158 -9.09 16.44 -18.62
CA VAL A 158 -9.67 15.40 -19.46
C VAL A 158 -10.61 14.51 -18.67
N GLY A 159 -10.24 14.20 -17.43
CA GLY A 159 -11.06 13.34 -16.61
C GLY A 159 -12.19 14.09 -15.93
N LYS A 160 -12.16 15.42 -15.98
CA LYS A 160 -13.14 16.25 -15.30
C LYS A 160 -13.25 15.87 -13.82
N LYS A 161 -12.11 15.62 -13.19
CA LYS A 161 -12.11 15.15 -11.81
C LYS A 161 -10.76 15.37 -11.15
N ASN A 162 -10.73 15.36 -9.82
CA ASN A 162 -9.48 15.37 -9.07
C ASN A 162 -8.88 13.97 -9.02
N ILE A 163 -7.56 13.89 -9.12
CA ILE A 163 -6.82 12.64 -9.00
C ILE A 163 -5.97 12.73 -7.72
N TYR A 164 -6.05 11.72 -6.88
CA TYR A 164 -5.26 11.68 -5.64
C TYR A 164 -4.25 10.53 -5.68
N LEU A 165 -2.97 10.86 -5.53
CA LEU A 165 -1.93 9.83 -5.51
C LEU A 165 -1.69 9.32 -4.10
N ASN A 166 -2.77 8.99 -3.39
CA ASN A 166 -2.66 8.34 -2.09
C ASN A 166 -2.78 6.82 -2.31
N SER A 167 -1.90 6.30 -3.15
CA SER A 167 -2.09 4.98 -3.73
C SER A 167 -0.83 4.15 -3.74
N GLY A 168 -1.04 2.85 -3.83
CA GLY A 168 0.06 1.93 -3.99
C GLY A 168 -0.51 0.59 -4.40
N LEU A 169 0.35 -0.38 -4.68
CA LEU A 169 -0.11 -1.69 -5.10
C LEU A 169 0.84 -2.79 -4.65
N THR A 170 0.28 -3.99 -4.52
CA THR A 170 1.03 -5.18 -4.18
C THR A 170 0.68 -6.26 -5.20
N SER A 171 1.68 -7.02 -5.63
CA SER A 171 1.46 -8.25 -6.39
C SER A 171 1.93 -9.41 -5.55
N THR A 172 1.11 -10.47 -5.48
CA THR A 172 1.47 -11.67 -4.76
C THR A 172 1.95 -12.77 -5.71
N LYS A 173 2.28 -12.38 -6.95
CA LYS A 173 2.95 -13.30 -7.88
C LYS A 173 4.37 -12.81 -8.12
N ASN A 174 5.33 -13.73 -8.08
CA ASN A 174 6.74 -13.39 -8.34
C ASN A 174 7.45 -14.55 -9.00
N TYR A 175 8.09 -14.28 -10.15
CA TYR A 175 8.77 -15.32 -10.92
C TYR A 175 7.86 -16.52 -11.18
N GLY A 176 6.57 -16.25 -11.35
CA GLY A 176 5.64 -17.31 -11.69
C GLY A 176 5.06 -18.02 -10.49
N LYS A 177 5.44 -17.59 -9.28
CA LYS A 177 4.97 -18.26 -8.07
C LYS A 177 4.22 -17.34 -7.11
N THR A 178 3.24 -17.92 -6.43
CA THR A 178 2.53 -17.22 -5.37
C THR A 178 3.46 -17.08 -4.18
N ILE A 179 3.60 -15.85 -3.67
CA ILE A 179 4.49 -15.64 -2.54
C ILE A 179 3.81 -16.07 -1.25
N LEU A 180 4.62 -16.29 -0.20
CA LEU A 180 4.11 -16.64 1.12
C LEU A 180 3.35 -15.46 1.71
N THR A 181 2.29 -15.76 2.45
CA THR A 181 1.48 -14.71 3.06
C THR A 181 2.33 -13.82 3.96
N LYS A 182 3.32 -14.40 4.62
CA LYS A 182 4.22 -13.61 5.46
C LYS A 182 5.16 -12.73 4.61
N GLU A 183 5.40 -13.14 3.38
CA GLU A 183 6.14 -12.29 2.44
C GLU A 183 5.22 -11.18 1.94
N ALA A 184 3.98 -11.54 1.65
CA ALA A 184 2.98 -10.58 1.21
C ALA A 184 2.72 -9.54 2.31
N ASP A 185 2.65 -9.99 3.56
CA ASP A 185 2.50 -9.05 4.67
C ASP A 185 3.56 -7.97 4.64
N LEU A 186 4.79 -8.39 4.37
CA LEU A 186 5.94 -7.47 4.38
C LEU A 186 5.91 -6.47 3.23
N VAL A 187 5.63 -6.94 2.03
CA VAL A 187 5.58 -6.06 0.86
C VAL A 187 4.56 -4.95 1.04
N THR A 188 3.36 -5.30 1.49
CA THR A 188 2.33 -4.31 1.68
C THR A 188 2.69 -3.34 2.81
N THR A 189 3.29 -3.88 3.87
CA THR A 189 3.80 -3.03 4.93
C THR A 189 4.83 -2.07 4.38
N HIS A 190 5.65 -2.56 3.44
CA HIS A 190 6.68 -1.75 2.81
C HIS A 190 6.06 -0.65 1.93
N GLU A 191 5.07 -1.02 1.11
CA GLU A 191 4.45 -0.05 0.21
C GLU A 191 3.68 1.02 0.99
N LEU A 192 2.97 0.60 2.02
CA LEU A 192 2.28 1.53 2.90
C LEU A 192 3.27 2.44 3.61
N GLY A 193 4.46 1.91 3.90
CA GLY A 193 5.48 2.70 4.57
C GLY A 193 5.94 3.88 3.76
N HIS A 194 6.08 3.68 2.44
CA HIS A 194 6.30 4.79 1.52
C HIS A 194 5.15 5.80 1.62
N ASN A 195 3.91 5.32 1.53
CA ASN A 195 2.75 6.21 1.63
C ASN A 195 2.85 7.06 2.91
N PHE A 196 3.27 6.45 4.00
CA PHE A 196 3.35 7.17 5.27
C PHE A 196 4.58 8.07 5.33
N GLY A 197 5.41 8.00 4.31
CA GLY A 197 6.48 8.97 4.15
C GLY A 197 7.91 8.47 4.28
N ALA A 198 8.08 7.15 4.28
CA ALA A 198 9.42 6.58 4.40
C ALA A 198 10.03 6.33 3.02
N GLU A 199 11.32 6.62 2.89
CA GLU A 199 12.11 6.18 1.75
C GLU A 199 12.78 4.85 2.11
N HIS A 200 13.43 4.22 1.14
CA HIS A 200 14.15 2.98 1.42
C HIS A 200 15.23 3.18 2.48
N ASP A 201 15.46 2.17 3.29
CA ASP A 201 16.63 2.15 4.16
C ASP A 201 17.88 2.07 3.29
N PRO A 202 18.80 3.04 3.44
CA PRO A 202 20.04 3.05 2.68
C PRO A 202 21.01 1.98 3.18
N ASP A 203 21.50 1.16 2.27
CA ASP A 203 22.42 0.09 2.68
C ASP A 203 23.64 0.71 3.35
N GLY A 204 23.78 2.02 3.20
CA GLY A 204 24.86 2.72 3.87
C GLY A 204 24.73 2.66 5.38
N LEU A 205 23.68 3.28 5.92
CA LEU A 205 23.49 3.36 7.36
C LEU A 205 23.28 1.98 7.98
N ALA A 206 24.34 1.45 8.59
CA ALA A 206 24.28 0.11 9.18
C ALA A 206 23.20 -0.01 10.25
N GLU A 207 22.93 1.09 10.96
CA GLU A 207 21.93 1.06 12.01
C GLU A 207 20.52 1.00 11.42
N CYS A 208 20.44 1.24 10.12
CA CYS A 208 19.16 1.16 9.41
C CYS A 208 19.16 0.03 8.40
N ALA A 209 20.29 -0.66 8.29
CA ALA A 209 20.39 -1.85 7.44
C ALA A 209 21.29 -2.88 8.10
N PRO A 210 20.90 -3.38 9.28
CA PRO A 210 21.72 -4.30 10.08
C PRO A 210 22.06 -5.58 9.32
N ASN A 211 23.24 -6.12 9.58
CA ASN A 211 23.67 -7.35 8.92
C ASN A 211 22.87 -8.53 9.43
N GLU A 212 22.90 -9.62 8.65
CA GLU A 212 22.12 -10.81 8.97
C GLU A 212 22.37 -11.24 10.41
N ASP A 213 23.65 -11.36 10.77
CA ASP A 213 24.05 -11.72 12.12
C ASP A 213 23.82 -10.55 13.08
N GLN A 214 23.15 -9.52 12.60
CA GLN A 214 22.76 -8.40 13.45
C GLN A 214 21.25 -8.33 13.61
N GLY A 215 20.55 -9.32 13.06
CA GLY A 215 19.10 -9.33 13.15
C GLY A 215 18.41 -9.01 11.83
N GLY A 216 19.20 -8.76 10.79
CA GLY A 216 18.63 -8.61 9.46
C GLY A 216 18.05 -7.24 9.21
N LYS A 217 17.61 -7.02 7.98
CA LYS A 217 17.13 -5.72 7.55
C LYS A 217 15.74 -5.38 8.10
N TYR A 218 15.43 -4.09 8.14
CA TYR A 218 14.08 -3.65 8.46
C TYR A 218 13.20 -3.58 7.22
N VAL A 219 11.90 -3.38 7.43
CA VAL A 219 10.90 -3.58 6.40
C VAL A 219 11.07 -2.68 5.18
N MET A 220 11.64 -1.49 5.36
CA MET A 220 11.82 -0.56 4.25
C MET A 220 13.12 -0.78 3.46
N TYR A 221 13.74 -1.93 3.67
CA TYR A 221 14.90 -2.31 2.87
C TYR A 221 14.41 -2.82 1.50
N PRO A 222 14.96 -2.27 0.41
CA PRO A 222 14.49 -2.50 -0.97
C PRO A 222 14.87 -3.82 -1.64
N ILE A 223 15.11 -4.87 -0.87
CA ILE A 223 15.17 -6.21 -1.46
C ILE A 223 14.55 -7.24 -0.53
N ALA A 224 13.82 -8.19 -1.11
CA ALA A 224 13.12 -9.19 -0.32
C ALA A 224 14.08 -10.29 0.13
N VAL A 225 14.89 -10.00 1.14
CA VAL A 225 15.86 -10.96 1.64
C VAL A 225 15.15 -12.15 2.27
N SER A 226 15.51 -13.34 1.80
CA SER A 226 14.86 -14.57 2.26
C SER A 226 15.15 -14.84 3.73
N GLY A 227 14.47 -15.85 4.28
CA GLY A 227 14.58 -16.12 5.70
C GLY A 227 13.87 -15.02 6.46
N ASP A 228 13.36 -15.33 7.64
CA ASP A 228 12.73 -14.31 8.47
C ASP A 228 13.59 -13.97 9.68
N HIS A 229 14.03 -12.71 9.71
CA HIS A 229 14.86 -12.21 10.80
C HIS A 229 14.05 -11.17 11.57
N GLU A 230 14.40 -10.97 12.84
CA GLU A 230 13.60 -10.15 13.74
C GLU A 230 13.23 -8.78 13.18
N ASN A 231 14.19 -8.11 12.55
CA ASN A 231 14.02 -6.73 12.10
C ASN A 231 13.07 -6.61 10.90
N ASN A 232 12.85 -7.73 10.21
CA ASN A 232 12.07 -7.71 8.98
C ASN A 232 10.71 -7.05 9.14
N LYS A 233 10.06 -7.30 10.27
CA LYS A 233 8.72 -6.75 10.48
C LYS A 233 8.77 -5.56 11.43
N MET A 234 9.84 -4.78 11.32
CA MET A 234 9.97 -3.55 12.11
C MET A 234 10.46 -2.40 11.25
N PHE A 235 10.19 -1.18 11.70
CA PHE A 235 10.65 0.02 11.00
C PHE A 235 11.96 0.54 11.61
N SER A 236 12.95 0.75 10.75
CA SER A 236 14.22 1.32 11.17
C SER A 236 14.02 2.72 11.74
N GLN A 237 15.00 3.20 12.49
CA GLN A 237 15.00 4.59 12.97
C GLN A 237 14.96 5.56 11.80
N CYS A 238 15.53 5.15 10.67
CA CYS A 238 15.47 5.97 9.46
C CYS A 238 14.03 6.12 9.00
N SER A 239 13.31 5.01 8.94
CA SER A 239 11.89 5.03 8.62
C SER A 239 11.11 5.81 9.67
N LYS A 240 11.40 5.55 10.94
CA LYS A 240 10.67 6.19 12.04
C LYS A 240 10.77 7.71 12.02
N GLN A 241 11.93 8.24 11.66
CA GLN A 241 12.10 9.68 11.58
C GLN A 241 11.12 10.26 10.56
N SER A 242 11.16 9.71 9.35
CA SER A 242 10.34 10.20 8.24
C SER A 242 8.85 10.07 8.54
N ILE A 243 8.44 8.89 8.99
CA ILE A 243 7.03 8.60 9.17
C ILE A 243 6.44 9.38 10.33
N TYR A 244 7.26 9.63 11.35
CA TYR A 244 6.81 10.38 12.52
C TYR A 244 6.41 11.81 12.15
N LYS A 245 7.30 12.52 11.46
CA LYS A 245 7.01 13.88 11.03
C LYS A 245 5.76 13.91 10.15
N THR A 246 5.62 12.90 9.30
CA THR A 246 4.49 12.84 8.37
C THR A 246 3.18 12.66 9.09
N ILE A 247 3.14 11.74 10.02
CA ILE A 247 1.94 11.53 10.84
C ILE A 247 1.63 12.78 11.65
N GLU A 248 2.59 13.24 12.43
CA GLU A 248 2.41 14.40 13.30
C GLU A 248 1.75 15.54 12.54
N SER A 249 2.04 15.62 11.25
CA SER A 249 1.57 16.70 10.40
C SER A 249 0.20 16.46 9.78
N LYS A 250 -0.11 15.19 9.48
CA LYS A 250 -1.21 14.90 8.55
C LYS A 250 -2.42 14.24 9.20
N ALA A 251 -2.23 13.70 10.41
CA ALA A 251 -3.27 12.91 11.06
C ALA A 251 -4.53 13.72 11.33
N GLN A 252 -4.37 14.92 11.88
CA GLN A 252 -5.51 15.78 12.14
C GLN A 252 -6.32 15.94 10.87
N GLU A 253 -5.61 15.96 9.74
CA GLU A 253 -6.21 16.25 8.45
C GLU A 253 -7.06 15.13 7.86
N CYS A 254 -6.55 13.89 7.86
CA CYS A 254 -7.32 12.82 7.25
C CYS A 254 -7.26 11.44 7.93
N PHE A 255 -6.76 11.39 9.16
CA PHE A 255 -6.90 10.18 9.97
C PHE A 255 -8.22 10.21 10.74
N GLN A 256 -8.70 9.03 11.14
CA GLN A 256 -9.97 8.92 11.84
C GLN A 256 -9.83 8.08 13.11
N GLU A 257 -10.97 7.82 13.77
CA GLU A 257 -10.97 7.02 14.98
C GLU A 257 -10.97 5.53 14.64
N ARG A 258 -10.34 4.72 15.48
CA ARG A 258 -10.43 3.28 15.33
C ARG A 258 -11.86 2.85 15.62
N SER A 259 -12.41 2.00 14.76
CA SER A 259 -13.79 1.57 14.91
C SER A 259 -14.00 0.15 14.42
N ASN A 260 -15.11 -0.45 14.85
CA ASN A 260 -15.50 -1.78 14.41
C ASN A 260 -16.96 -1.71 14.01
N LYS A 261 -17.22 -1.01 12.90
CA LYS A 261 -18.59 -0.74 12.48
C LYS A 261 -19.29 -1.99 11.93
N VAL A 262 -20.61 -1.97 11.93
CA VAL A 262 -21.39 -3.00 11.25
C VAL A 262 -21.35 -2.78 9.74
N ILE A 263 -21.37 -1.51 9.34
CA ILE A 263 -21.26 -1.16 7.93
C ILE A 263 -20.36 0.04 7.71
N GLU A 264 -19.36 -0.14 6.86
CA GLU A 264 -18.37 0.89 6.61
C GLU A 264 -18.75 1.67 5.35
N GLY A 265 -18.61 2.99 5.41
CA GLY A 265 -18.79 3.79 4.21
C GLY A 265 -20.17 4.36 4.01
N ARG A 266 -21.02 4.27 5.03
CA ARG A 266 -22.34 4.91 4.98
C ARG A 266 -22.42 6.08 5.97
#